data_8PXC
#
_entry.id   8PXC
#
_cell.length_a   132.810
_cell.length_b   30.400
_cell.length_c   90.600
_cell.angle_alpha   90.00
_cell.angle_beta   127.04
_cell.angle_gamma   90.00
#
_symmetry.space_group_name_H-M   'C 1 2 1'
#
loop_
_entity.id
_entity.type
_entity.pdbx_description
1 polymer Fap1
2 non-polymer 'CALCIUM ION'
3 non-polymer 1,2-ETHANEDIOL
4 water water
#
_entity_poly.entity_id   1
_entity_poly.type   'polypeptide(L)'
_entity_poly.pdbx_seq_one_letter_code
;GLVKNEDVTAESSLTMTSVALTEKQSEEKRKKLDALSAEIGQFLAQAQGLPNSNEAITKASLAKNEIVEALKGEVSDLAP
ILQKATEARNSIANAVLRANSGLRDSRNGQALTKASNTASFRAARDTEKPELQKITVTGGAVLEGQKFKIYREENFSATI
EFTDNSGRIEHAKFVPTAVPAAYPATSTVVSFTTSNGQSISMIVPTNKLAKDGNATASNPFTVSITGSVGKNQAVNSLWT
RYVFTYDQEGNFSGNTTDVGLVKDLTANPAAIQFEVHAQSEKYEPAINAEVNRNFTLTANSGTVSVGEASQYITNATGTP
ELPTTGITKGTRTTYTWKSGTNTNLSAGRHTLTAVVTYPDGSTDEIDVSFTVRPQTPRIEERFLNEKGGLTNQAITVDGV
TPGGTVTLTIAGETFTKQATGSSTSVTFTANELKKVYDRNGGRLPSGPVTASTTVNG
;
_entity_poly.pdbx_strand_id   A
#
# COMPACT_ATOMS: atom_id res chain seq x y z
N ARG A 125 -3.30 43.27 -4.49
CA ARG A 125 -2.43 42.24 -3.84
C ARG A 125 -3.11 40.88 -3.85
N ASP A 126 -2.26 39.86 -3.86
CA ASP A 126 -2.66 38.46 -3.88
C ASP A 126 -3.30 38.09 -2.54
N THR A 127 -4.58 37.74 -2.58
CA THR A 127 -5.27 37.27 -1.39
C THR A 127 -5.87 35.87 -1.61
N GLU A 128 -5.38 35.14 -2.62
CA GLU A 128 -5.91 33.83 -2.97
C GLU A 128 -4.94 32.75 -2.50
N LYS A 129 -5.49 31.73 -1.83
CA LYS A 129 -4.72 30.60 -1.35
C LYS A 129 -4.17 29.77 -2.51
N PRO A 130 -2.95 29.22 -2.35
CA PRO A 130 -2.49 28.15 -3.24
C PRO A 130 -3.46 26.96 -3.14
N GLU A 131 -3.50 26.14 -4.18
CA GLU A 131 -4.52 25.12 -4.33
C GLU A 131 -3.83 23.79 -4.60
N LEU A 132 -4.19 22.78 -3.80
CA LEU A 132 -3.74 21.42 -4.04
C LEU A 132 -4.50 20.90 -5.24
N GLN A 133 -3.77 20.55 -6.32
CA GLN A 133 -4.40 20.20 -7.58
C GLN A 133 -4.58 18.68 -7.74
N LYS A 134 -3.61 17.88 -7.32
CA LYS A 134 -3.55 16.50 -7.76
C LYS A 134 -2.62 15.71 -6.85
N ILE A 135 -3.03 14.46 -6.59
CA ILE A 135 -2.20 13.48 -5.91
C ILE A 135 -2.07 12.26 -6.83
N THR A 136 -0.85 11.73 -6.93
CA THR A 136 -0.61 10.49 -7.66
C THR A 136 0.10 9.53 -6.73
N VAL A 137 -0.12 8.24 -6.93
CA VAL A 137 0.55 7.20 -6.16
C VAL A 137 1.05 6.09 -7.09
N THR A 138 2.10 5.36 -6.64
CA THR A 138 2.69 4.25 -7.37
CA THR A 138 2.68 4.25 -7.38
C THR A 138 3.08 3.18 -6.36
N GLY A 139 3.11 1.92 -6.79
CA GLY A 139 3.53 0.81 -5.95
C GLY A 139 2.47 0.35 -4.94
N GLY A 140 2.90 0.10 -3.69
CA GLY A 140 2.08 -0.62 -2.72
C GLY A 140 1.03 0.19 -1.97
N ALA A 141 0.38 1.15 -2.66
CA ALA A 141 -0.73 1.87 -2.05
C ALA A 141 -1.84 2.17 -3.07
N VAL A 142 -3.03 2.42 -2.57
CA VAL A 142 -4.19 2.87 -3.31
C VAL A 142 -4.66 4.22 -2.75
N LEU A 143 -4.99 5.14 -3.66
CA LEU A 143 -5.44 6.44 -3.22
C LEU A 143 -6.95 6.51 -3.13
N GLU A 144 -7.45 7.05 -2.00
CA GLU A 144 -8.86 7.42 -1.92
C GLU A 144 -8.94 8.84 -1.39
N GLY A 145 -9.10 9.80 -2.33
CA GLY A 145 -9.03 11.22 -2.00
C GLY A 145 -7.69 11.64 -1.39
N GLN A 146 -7.70 11.93 -0.08
CA GLN A 146 -6.55 12.42 0.64
C GLN A 146 -5.92 11.29 1.47
N LYS A 147 -6.45 10.05 1.35
CA LYS A 147 -5.96 8.93 2.13
C LYS A 147 -5.19 7.94 1.28
N PHE A 148 -4.00 7.56 1.77
CA PHE A 148 -3.20 6.53 1.14
C PHE A 148 -3.45 5.23 1.92
N LYS A 149 -4.03 4.25 1.22
CA LYS A 149 -4.25 2.91 1.74
C LYS A 149 -3.05 2.08 1.35
N ILE A 150 -2.23 1.74 2.36
N ILE A 150 -2.23 1.75 2.36
CA ILE A 150 -0.94 1.11 2.12
CA ILE A 150 -0.94 1.10 2.14
C ILE A 150 -0.96 -0.36 2.55
C ILE A 150 -1.03 -0.37 2.52
N TYR A 151 -0.49 -1.24 1.65
CA TYR A 151 -0.30 -2.65 1.95
C TYR A 151 1.07 -2.81 2.57
N ARG A 152 1.13 -3.54 3.70
CA ARG A 152 2.37 -3.79 4.39
C ARG A 152 3.42 -4.46 3.51
N GLU A 153 4.69 -4.17 3.80
CA GLU A 153 5.86 -4.84 3.20
C GLU A 153 5.97 -4.57 1.71
N GLU A 154 5.50 -3.39 1.30
CA GLU A 154 5.57 -2.97 -0.10
C GLU A 154 5.97 -1.49 -0.17
N ASN A 155 6.93 -1.19 -1.04
CA ASN A 155 7.34 0.20 -1.27
C ASN A 155 6.22 0.91 -2.01
N PHE A 156 6.00 2.18 -1.64
CA PHE A 156 5.13 3.04 -2.42
C PHE A 156 5.75 4.43 -2.51
N SER A 157 5.26 5.19 -3.50
N SER A 157 5.28 5.21 -3.48
CA SER A 157 5.68 6.56 -3.73
CA SER A 157 5.67 6.60 -3.62
C SER A 157 4.43 7.36 -4.07
C SER A 157 4.48 7.37 -4.15
N ALA A 158 4.52 8.69 -3.92
CA ALA A 158 3.42 9.56 -4.23
C ALA A 158 3.98 10.95 -4.51
N THR A 159 3.14 11.74 -5.19
CA THR A 159 3.39 13.15 -5.43
C THR A 159 2.12 13.91 -5.16
N ILE A 160 2.29 15.13 -4.66
CA ILE A 160 1.21 16.08 -4.49
C ILE A 160 1.61 17.37 -5.20
N GLU A 161 0.72 17.87 -6.06
CA GLU A 161 0.98 19.01 -6.93
C GLU A 161 0.14 20.20 -6.46
N PHE A 162 0.77 21.37 -6.37
CA PHE A 162 0.10 22.61 -6.01
C PHE A 162 0.30 23.71 -7.06
N THR A 163 -0.73 24.56 -7.24
CA THR A 163 -0.60 25.80 -8.00
C THR A 163 -0.98 27.01 -7.16
N ASP A 164 -0.53 28.17 -7.62
CA ASP A 164 -0.98 29.44 -7.05
C ASP A 164 -1.26 30.41 -8.19
N ASN A 165 -2.21 31.31 -7.95
CA ASN A 165 -2.56 32.32 -8.94
C ASN A 165 -1.37 33.22 -9.28
N SER A 166 -0.43 33.43 -8.36
CA SER A 166 0.78 34.20 -8.62
C SER A 166 1.77 33.42 -9.48
N GLY A 167 1.63 32.09 -9.57
CA GLY A 167 2.60 31.25 -10.23
C GLY A 167 3.80 30.93 -9.33
N ARG A 168 3.81 31.41 -8.07
CA ARG A 168 4.98 31.24 -7.22
C ARG A 168 4.57 30.79 -5.82
N ILE A 169 5.20 29.70 -5.34
CA ILE A 169 5.06 29.26 -3.95
C ILE A 169 6.42 29.46 -3.26
N GLU A 170 6.36 30.02 -2.04
CA GLU A 170 7.53 30.51 -1.32
C GLU A 170 8.00 29.53 -0.24
N HIS A 171 7.05 28.84 0.39
CA HIS A 171 7.31 27.91 1.47
C HIS A 171 6.41 26.68 1.32
N ALA A 172 6.87 25.55 1.83
CA ALA A 172 6.05 24.33 1.90
C ALA A 172 6.55 23.46 3.04
N LYS A 173 5.62 22.83 3.78
CA LYS A 173 5.98 22.06 4.96
C LYS A 173 4.97 20.93 5.19
N PHE A 174 5.45 19.89 5.89
CA PHE A 174 4.61 18.84 6.41
C PHE A 174 4.72 18.91 7.95
N VAL A 175 3.58 18.90 8.60
CA VAL A 175 3.52 19.02 10.04
C VAL A 175 2.47 18.06 10.58
N PRO A 176 2.58 17.68 11.86
CA PRO A 176 1.62 16.75 12.45
C PRO A 176 0.25 17.29 12.85
N THR A 177 0.06 18.62 12.92
CA THR A 177 -1.24 19.16 13.23
C THR A 177 -1.49 20.40 12.40
N ALA A 178 -2.71 20.89 12.45
CA ALA A 178 -3.07 22.10 11.71
C ALA A 178 -2.82 23.37 12.51
N VAL A 179 -2.36 23.26 13.77
CA VAL A 179 -2.18 24.43 14.61
C VAL A 179 -1.32 25.48 13.89
N PRO A 180 -0.18 25.13 13.23
CA PRO A 180 0.66 26.16 12.61
C PRO A 180 0.38 26.43 11.13
N ALA A 181 -0.88 26.22 10.72
CA ALA A 181 -1.31 26.39 9.35
C ALA A 181 -0.91 27.77 8.80
N ALA A 182 -1.11 28.81 9.58
CA ALA A 182 -1.01 30.16 9.06
C ALA A 182 0.42 30.68 9.06
N TYR A 183 1.39 29.91 9.59
CA TYR A 183 2.76 30.39 9.77
CA TYR A 183 2.76 30.40 9.76
C TYR A 183 3.64 29.92 8.62
N PRO A 184 4.04 30.81 7.69
CA PRO A 184 4.84 30.36 6.54
C PRO A 184 6.19 29.81 7.00
N ALA A 185 6.48 28.58 6.62
CA ALA A 185 7.73 27.94 6.98
C ALA A 185 7.91 26.72 6.07
N THR A 186 9.15 26.23 6.01
CA THR A 186 9.52 25.15 5.10
C THR A 186 10.11 23.96 5.86
N SER A 187 9.70 22.72 5.52
CA SER A 187 10.36 21.52 6.04
C SER A 187 11.18 20.92 4.90
N THR A 188 12.18 20.12 5.22
CA THR A 188 13.00 19.46 4.23
C THR A 188 12.50 18.04 4.04
N VAL A 189 12.92 17.14 4.94
CA VAL A 189 12.44 15.76 4.97
C VAL A 189 11.94 15.48 6.39
N VAL A 190 10.66 15.07 6.51
CA VAL A 190 10.12 14.62 7.79
C VAL A 190 9.60 13.22 7.60
N SER A 191 9.54 12.44 8.68
CA SER A 191 9.25 11.02 8.55
C SER A 191 8.62 10.50 9.84
N PHE A 192 8.04 9.30 9.77
CA PHE A 192 7.64 8.57 10.95
C PHE A 192 7.86 7.08 10.72
N THR A 193 8.08 6.39 11.83
CA THR A 193 8.40 4.96 11.82
C THR A 193 7.13 4.15 11.61
N THR A 194 7.29 3.00 10.89
CA THR A 194 6.15 2.16 10.56
C THR A 194 6.37 0.68 10.90
N SER A 195 7.28 0.40 11.86
CA SER A 195 7.56 -0.92 12.43
C SER A 195 8.58 -1.61 11.55
N ASN A 196 9.30 -2.59 12.14
CA ASN A 196 10.24 -3.41 11.34
C ASN A 196 11.29 -2.53 10.63
N GLY A 197 11.75 -1.49 11.34
CA GLY A 197 12.77 -0.58 10.84
C GLY A 197 12.36 0.24 9.60
N GLN A 198 11.08 0.22 9.23
CA GLN A 198 10.57 0.87 8.05
C GLN A 198 10.05 2.27 8.40
N SER A 199 9.79 3.08 7.38
CA SER A 199 9.33 4.45 7.62
C SER A 199 8.58 5.00 6.41
N ILE A 200 7.85 6.10 6.68
CA ILE A 200 7.31 6.89 5.59
C ILE A 200 7.95 8.27 5.67
N SER A 201 8.46 8.76 4.53
CA SER A 201 9.06 10.10 4.43
C SER A 201 8.22 11.04 3.56
N MET A 202 8.18 12.30 3.97
CA MET A 202 7.50 13.39 3.25
C MET A 202 8.55 14.46 2.93
N ILE A 203 8.74 14.75 1.64
CA ILE A 203 9.90 15.49 1.16
C ILE A 203 9.43 16.73 0.40
N VAL A 204 10.00 17.89 0.75
CA VAL A 204 9.88 19.11 -0.02
C VAL A 204 11.18 19.37 -0.78
N PRO A 205 11.15 19.59 -2.11
CA PRO A 205 12.36 20.01 -2.85
C PRO A 205 12.59 21.50 -2.64
N THR A 206 13.22 21.82 -1.50
CA THR A 206 13.30 23.20 -1.00
C THR A 206 14.07 24.11 -1.94
N ASN A 207 15.01 23.57 -2.72
CA ASN A 207 15.77 24.44 -3.60
C ASN A 207 14.93 24.95 -4.77
N LYS A 208 13.69 24.45 -4.94
CA LYS A 208 12.79 24.91 -6.00
C LYS A 208 11.77 25.93 -5.50
N LEU A 209 11.73 26.15 -4.17
CA LEU A 209 10.83 27.13 -3.61
C LEU A 209 11.29 28.55 -3.98
N ALA A 210 10.34 29.50 -3.92
CA ALA A 210 10.61 30.93 -4.04
C ALA A 210 11.30 31.26 -5.37
N LYS A 211 10.78 30.64 -6.41
CA LYS A 211 11.19 30.94 -7.77
C LYS A 211 9.95 31.29 -8.56
N ASP A 212 10.06 32.36 -9.38
CA ASP A 212 8.97 32.72 -10.24
C ASP A 212 8.56 31.55 -11.14
N GLY A 213 7.25 31.36 -11.30
CA GLY A 213 6.74 30.32 -12.16
C GLY A 213 6.98 28.88 -11.69
N ASN A 214 7.14 28.67 -10.36
CA ASN A 214 7.37 27.34 -9.82
C ASN A 214 6.05 26.66 -9.39
N ALA A 215 4.90 27.28 -9.69
CA ALA A 215 3.64 26.76 -9.20
C ALA A 215 2.52 27.16 -10.15
N THR A 216 2.71 26.81 -11.43
CA THR A 216 1.74 27.11 -12.47
C THR A 216 1.06 25.81 -12.87
N ALA A 217 -0.01 25.91 -13.66
CA ALA A 217 -0.72 24.70 -14.04
C ALA A 217 0.20 23.77 -14.82
N SER A 218 1.10 24.32 -15.66
CA SER A 218 1.98 23.46 -16.45
C SER A 218 3.23 23.06 -15.66
N ASN A 219 3.57 23.81 -14.60
CA ASN A 219 4.72 23.48 -13.77
C ASN A 219 4.30 23.56 -12.30
N PRO A 220 3.46 22.62 -11.80
CA PRO A 220 2.99 22.68 -10.41
C PRO A 220 4.12 22.40 -9.45
N PHE A 221 4.06 23.02 -8.28
CA PHE A 221 4.99 22.75 -7.23
C PHE A 221 4.64 21.39 -6.64
N THR A 222 5.62 20.48 -6.62
CA THR A 222 5.39 19.09 -6.36
C THR A 222 6.24 18.64 -5.17
N VAL A 223 5.57 18.06 -4.17
CA VAL A 223 6.23 17.42 -3.04
C VAL A 223 6.08 15.92 -3.23
N SER A 224 6.99 15.16 -2.59
CA SER A 224 6.98 13.72 -2.73
C SER A 224 6.83 12.98 -1.40
N ILE A 225 6.29 11.77 -1.48
CA ILE A 225 6.18 10.87 -0.34
C ILE A 225 6.71 9.50 -0.76
N THR A 226 7.48 8.86 0.12
CA THR A 226 7.94 7.52 -0.17
C THR A 226 8.10 6.71 1.12
N GLY A 227 7.86 5.40 1.04
CA GLY A 227 8.22 4.52 2.12
C GLY A 227 7.44 3.22 2.06
N SER A 228 7.18 2.66 3.23
CA SER A 228 6.63 1.34 3.40
C SER A 228 6.27 1.13 4.87
N VAL A 229 5.50 0.07 5.14
CA VAL A 229 5.03 -0.23 6.47
C VAL A 229 5.43 -1.65 6.82
N GLY A 230 5.97 -1.85 8.03
CA GLY A 230 6.42 -3.18 8.44
C GLY A 230 5.26 -4.12 8.83
N LYS A 231 5.53 -5.43 8.73
CA LYS A 231 4.54 -6.45 9.02
C LYS A 231 3.99 -6.35 10.45
N ASN A 232 4.75 -5.82 11.38
CA ASN A 232 4.30 -5.75 12.79
C ASN A 232 3.43 -4.55 13.09
N GLN A 233 3.19 -3.69 12.10
CA GLN A 233 2.28 -2.57 12.25
C GLN A 233 0.84 -3.08 12.09
N ALA A 234 -0.01 -2.81 13.10
CA ALA A 234 -1.36 -3.36 13.10
C ALA A 234 -2.14 -2.89 11.88
N VAL A 235 -2.91 -3.79 11.30
CA VAL A 235 -3.95 -3.41 10.35
C VAL A 235 -4.87 -2.38 10.96
N ASN A 236 -5.23 -1.40 10.11
CA ASN A 236 -6.06 -0.25 10.44
C ASN A 236 -5.33 0.83 11.22
N SER A 237 -4.02 0.68 11.46
CA SER A 237 -3.23 1.81 11.92
C SER A 237 -3.46 3.00 10.99
N LEU A 238 -3.55 4.19 11.58
CA LEU A 238 -3.85 5.39 10.82
C LEU A 238 -2.98 6.54 11.31
N TRP A 239 -2.21 7.13 10.39
CA TRP A 239 -1.50 8.37 10.70
C TRP A 239 -2.12 9.53 9.94
N THR A 240 -2.19 10.70 10.59
CA THR A 240 -2.60 11.94 9.94
C THR A 240 -1.42 12.90 9.90
N ARG A 241 -1.20 13.52 8.72
CA ARG A 241 -0.28 14.64 8.60
C ARG A 241 -0.97 15.76 7.81
N TYR A 242 -0.33 16.93 7.81
CA TYR A 242 -0.83 18.10 7.13
C TYR A 242 0.27 18.70 6.28
N VAL A 243 -0.08 19.04 5.03
CA VAL A 243 0.84 19.66 4.12
C VAL A 243 0.32 21.05 3.80
N PHE A 244 1.16 22.05 4.04
CA PHE A 244 0.83 23.44 3.77
C PHE A 244 1.81 24.06 2.78
N THR A 245 1.26 24.85 1.84
CA THR A 245 2.05 25.67 0.95
C THR A 245 1.64 27.13 1.10
N TYR A 246 2.61 28.02 0.84
CA TYR A 246 2.46 29.45 1.05
C TYR A 246 2.96 30.22 -0.16
N ASP A 247 2.15 31.20 -0.63
CA ASP A 247 2.62 32.16 -1.61
C ASP A 247 3.45 33.24 -0.92
N GLN A 248 3.94 34.21 -1.72
CA GLN A 248 4.80 35.26 -1.16
C GLN A 248 4.07 36.16 -0.17
N GLU A 249 2.74 36.35 -0.34
CA GLU A 249 1.96 37.17 0.55
C GLU A 249 1.66 36.46 1.86
N GLY A 250 1.85 35.13 1.90
CA GLY A 250 1.59 34.40 3.12
C GLY A 250 0.23 33.71 3.13
N ASN A 251 -0.53 33.80 2.04
CA ASN A 251 -1.72 32.98 1.91
C ASN A 251 -1.31 31.52 1.87
N PHE A 252 -2.09 30.64 2.52
CA PHE A 252 -1.73 29.23 2.67
C PHE A 252 -2.83 28.30 2.17
N SER A 253 -2.41 27.17 1.56
CA SER A 253 -3.35 26.14 1.13
C SER A 253 -4.01 25.50 2.34
N GLY A 254 -5.28 25.06 2.17
CA GLY A 254 -5.95 24.37 3.24
C GLY A 254 -6.43 25.34 4.31
N ASN A 255 -6.61 24.85 5.54
CA ASN A 255 -7.21 25.66 6.60
C ASN A 255 -6.66 25.21 7.94
N THR A 256 -7.27 25.73 9.03
CA THR A 256 -6.77 25.43 10.35
C THR A 256 -7.57 24.33 11.07
N THR A 257 -8.47 23.60 10.39
CA THR A 257 -9.30 22.60 11.05
C THR A 257 -8.47 21.34 11.38
N ASP A 258 -8.69 20.86 12.60
CA ASP A 258 -8.12 19.60 13.07
C ASP A 258 -9.07 18.45 12.67
N VAL A 259 -8.66 17.64 11.69
CA VAL A 259 -9.53 16.62 11.14
C VAL A 259 -9.73 15.47 12.12
N GLY A 260 -8.83 15.27 13.07
CA GLY A 260 -9.02 14.33 14.16
C GLY A 260 -10.16 14.77 15.08
N LEU A 261 -10.16 16.04 15.48
CA LEU A 261 -11.17 16.58 16.38
C LEU A 261 -12.58 16.49 15.75
N VAL A 262 -12.69 16.82 14.44
CA VAL A 262 -13.98 16.83 13.77
C VAL A 262 -14.32 15.49 13.12
N LYS A 263 -13.44 14.50 13.26
CA LYS A 263 -13.63 13.15 12.73
C LYS A 263 -13.99 13.19 11.23
N ASP A 264 -13.21 13.95 10.46
CA ASP A 264 -13.50 14.12 9.04
C ASP A 264 -12.28 14.58 8.27
N LEU A 265 -11.59 13.63 7.62
CA LEU A 265 -10.43 13.93 6.81
C LEU A 265 -10.67 15.10 5.84
N THR A 266 -11.87 15.18 5.27
CA THR A 266 -12.15 16.13 4.20
C THR A 266 -12.31 17.56 4.71
N ALA A 267 -12.44 17.78 6.03
CA ALA A 267 -12.71 19.09 6.55
C ALA A 267 -11.52 20.05 6.37
N ASN A 268 -10.31 19.52 6.16
CA ASN A 268 -9.13 20.33 5.95
C ASN A 268 -8.41 19.79 4.68
N PRO A 269 -8.39 20.54 3.57
CA PRO A 269 -7.73 20.07 2.33
C PRO A 269 -6.24 19.79 2.49
N ALA A 270 -5.63 20.31 3.56
CA ALA A 270 -4.23 20.12 3.86
C ALA A 270 -3.96 18.76 4.50
N ALA A 271 -4.98 18.08 5.00
CA ALA A 271 -4.80 16.82 5.70
C ALA A 271 -4.62 15.67 4.71
N ILE A 272 -3.67 14.78 5.05
CA ILE A 272 -3.46 13.52 4.41
C ILE A 272 -3.38 12.42 5.45
N GLN A 273 -3.79 11.21 5.05
CA GLN A 273 -3.77 10.04 5.93
C GLN A 273 -3.05 8.87 5.28
N PHE A 274 -2.49 8.04 6.16
CA PHE A 274 -1.80 6.82 5.83
C PHE A 274 -2.45 5.70 6.63
N GLU A 275 -3.13 4.79 5.93
CA GLU A 275 -3.92 3.74 6.54
C GLU A 275 -3.36 2.38 6.15
N VAL A 276 -3.15 1.53 7.16
CA VAL A 276 -2.48 0.25 6.98
C VAL A 276 -3.46 -0.87 6.66
N HIS A 277 -3.17 -1.61 5.57
CA HIS A 277 -3.95 -2.76 5.17
C HIS A 277 -3.08 -4.01 5.01
N ALA A 278 -3.72 -5.19 5.15
CA ALA A 278 -3.02 -6.46 5.10
C ALA A 278 -2.81 -6.80 3.62
N GLN A 279 -1.69 -7.46 3.32
CA GLN A 279 -1.43 -7.88 1.93
C GLN A 279 -2.52 -8.84 1.43
N SER A 280 -3.13 -9.63 2.34
CA SER A 280 -4.22 -10.53 1.98
C SER A 280 -5.39 -9.76 1.38
N GLU A 281 -5.54 -8.49 1.67
CA GLU A 281 -6.62 -7.71 1.08
C GLU A 281 -6.33 -7.44 -0.40
N LYS A 282 -5.04 -7.36 -0.78
CA LYS A 282 -4.67 -6.99 -2.14
C LYS A 282 -4.74 -8.19 -3.09
N TYR A 283 -4.29 -9.36 -2.65
CA TYR A 283 -4.03 -10.46 -3.55
C TYR A 283 -5.18 -11.48 -3.57
N GLU A 284 -5.29 -12.15 -4.71
CA GLU A 284 -6.27 -13.19 -4.92
C GLU A 284 -5.61 -14.42 -5.52
N PRO A 285 -5.19 -15.40 -4.68
CA PRO A 285 -4.68 -16.67 -5.22
C PRO A 285 -5.74 -17.42 -6.04
N ALA A 286 -5.26 -18.18 -7.02
CA ALA A 286 -6.10 -19.02 -7.85
C ALA A 286 -5.36 -20.33 -8.13
N ILE A 287 -6.05 -21.26 -8.78
CA ILE A 287 -5.48 -22.56 -9.10
C ILE A 287 -4.92 -22.48 -10.51
N ASN A 288 -3.69 -22.91 -10.67
CA ASN A 288 -3.10 -23.02 -12.00
C ASN A 288 -3.79 -24.13 -12.77
N ALA A 289 -4.58 -23.75 -13.77
CA ALA A 289 -5.40 -24.61 -14.61
C ALA A 289 -4.59 -25.64 -15.39
N GLU A 290 -3.31 -25.37 -15.65
CA GLU A 290 -2.52 -26.32 -16.43
C GLU A 290 -1.98 -27.50 -15.61
N VAL A 291 -2.03 -27.44 -14.27
CA VAL A 291 -1.43 -28.52 -13.49
C VAL A 291 -2.49 -29.60 -13.23
N ASN A 292 -2.18 -30.85 -13.55
CA ASN A 292 -3.10 -31.96 -13.36
C ASN A 292 -3.41 -32.21 -11.88
N ARG A 293 -4.71 -32.41 -11.58
CA ARG A 293 -5.14 -32.82 -10.24
C ARG A 293 -6.04 -34.07 -10.28
N ASN A 294 -6.07 -34.75 -11.42
CA ASN A 294 -6.78 -36.01 -11.56
C ASN A 294 -5.76 -37.14 -11.66
N PHE A 295 -5.54 -37.84 -10.54
CA PHE A 295 -4.47 -38.81 -10.47
C PHE A 295 -5.03 -40.22 -10.58
N THR A 296 -4.21 -41.12 -11.13
CA THR A 296 -4.46 -42.55 -11.13
C THR A 296 -3.37 -43.25 -10.30
N LEU A 297 -3.79 -44.12 -9.36
CA LEU A 297 -2.87 -44.91 -8.56
C LEU A 297 -2.09 -45.85 -9.46
N THR A 298 -0.87 -46.17 -9.05
CA THR A 298 -0.11 -47.21 -9.72
C THR A 298 -0.76 -48.58 -9.47
N ALA A 299 -0.16 -49.62 -10.05
CA ALA A 299 -0.70 -50.96 -9.93
C ALA A 299 -0.73 -51.41 -8.46
N ASN A 300 0.21 -50.94 -7.61
CA ASN A 300 0.31 -51.51 -6.26
C ASN A 300 0.46 -50.45 -5.17
N SER A 301 -0.07 -49.24 -5.38
CA SER A 301 -0.09 -48.24 -4.32
C SER A 301 -1.52 -47.92 -3.92
N GLY A 302 -1.76 -47.80 -2.60
CA GLY A 302 -3.07 -47.37 -2.15
C GLY A 302 -3.25 -45.85 -2.16
N THR A 303 -2.13 -45.11 -2.22
CA THR A 303 -2.15 -43.66 -2.15
C THR A 303 -1.30 -43.00 -3.24
N VAL A 304 -1.57 -41.70 -3.43
CA VAL A 304 -0.73 -40.82 -4.23
C VAL A 304 -0.58 -39.50 -3.46
N SER A 305 0.66 -39.03 -3.42
CA SER A 305 0.98 -37.77 -2.75
C SER A 305 0.71 -36.58 -3.65
N VAL A 306 0.04 -35.58 -3.12
CA VAL A 306 -0.20 -34.35 -3.87
C VAL A 306 1.05 -33.48 -3.93
N GLY A 307 2.07 -33.79 -3.11
CA GLY A 307 3.27 -32.98 -3.05
C GLY A 307 3.04 -31.55 -2.55
N GLU A 308 3.95 -30.65 -2.93
CA GLU A 308 3.98 -29.25 -2.52
C GLU A 308 2.75 -28.47 -2.99
N ALA A 309 2.19 -27.63 -2.11
CA ALA A 309 1.10 -26.73 -2.49
C ALA A 309 1.47 -25.72 -3.59
N SER A 310 2.72 -25.25 -3.63
CA SER A 310 3.10 -24.17 -4.52
C SER A 310 2.86 -24.54 -5.99
N GLN A 311 2.93 -25.80 -6.36
CA GLN A 311 2.78 -26.12 -7.79
C GLN A 311 1.34 -25.86 -8.29
N TYR A 312 0.35 -25.71 -7.40
CA TYR A 312 -1.04 -25.61 -7.82
C TYR A 312 -1.53 -24.17 -7.84
N ILE A 313 -0.75 -23.24 -7.26
CA ILE A 313 -1.24 -21.91 -6.90
C ILE A 313 -0.57 -20.84 -7.74
N THR A 314 -1.38 -19.86 -8.20
CA THR A 314 -0.90 -18.67 -8.88
C THR A 314 -1.82 -17.50 -8.54
N ASN A 315 -1.64 -16.35 -9.17
CA ASN A 315 -2.56 -15.24 -8.99
C ASN A 315 -3.73 -15.42 -9.96
N ALA A 316 -4.92 -15.02 -9.54
CA ALA A 316 -6.08 -15.07 -10.44
C ALA A 316 -5.80 -14.15 -11.61
N THR A 317 -6.29 -14.58 -12.77
CA THR A 317 -6.08 -13.84 -13.99
C THR A 317 -6.60 -12.42 -13.84
N GLY A 318 -5.76 -11.43 -14.15
CA GLY A 318 -6.17 -10.02 -14.10
C GLY A 318 -6.04 -9.41 -12.71
N THR A 319 -5.41 -10.12 -11.76
CA THR A 319 -5.20 -9.60 -10.42
C THR A 319 -3.69 -9.53 -10.19
N PRO A 320 -3.20 -8.81 -9.17
CA PRO A 320 -1.76 -8.59 -9.02
C PRO A 320 -0.97 -9.86 -8.82
N GLU A 321 0.24 -9.93 -9.42
CA GLU A 321 1.14 -11.05 -9.24
C GLU A 321 1.47 -11.16 -7.76
N LEU A 322 1.55 -12.38 -7.23
CA LEU A 322 1.74 -12.53 -5.80
C LEU A 322 3.15 -12.03 -5.43
N PRO A 323 3.36 -11.48 -4.23
CA PRO A 323 4.69 -11.04 -3.83
C PRO A 323 5.65 -12.22 -3.73
N THR A 324 6.95 -11.95 -3.87
CA THR A 324 7.98 -12.92 -3.53
C THR A 324 8.58 -12.50 -2.20
N THR A 325 9.31 -11.39 -2.15
CA THR A 325 9.91 -10.97 -0.89
C THR A 325 9.20 -9.77 -0.29
N GLY A 326 9.32 -9.57 1.03
CA GLY A 326 8.87 -8.29 1.57
C GLY A 326 10.05 -7.33 1.74
N ILE A 327 9.85 -6.25 2.48
CA ILE A 327 10.91 -5.28 2.71
C ILE A 327 11.75 -5.75 3.91
N THR A 328 11.07 -6.17 4.99
CA THR A 328 11.78 -6.78 6.11
C THR A 328 12.62 -7.95 5.60
N LYS A 329 13.91 -7.96 5.92
CA LYS A 329 14.84 -8.97 5.42
C LYS A 329 14.43 -10.34 5.95
N GLY A 330 14.41 -11.30 5.01
CA GLY A 330 13.97 -12.65 5.29
C GLY A 330 12.47 -12.91 5.11
N THR A 331 11.62 -11.90 4.87
CA THR A 331 10.20 -12.16 4.66
C THR A 331 9.95 -12.57 3.20
N ARG A 332 9.03 -13.54 3.02
CA ARG A 332 8.73 -14.04 1.69
C ARG A 332 7.39 -14.78 1.73
N THR A 333 6.75 -14.85 0.56
CA THR A 333 5.48 -15.52 0.49
C THR A 333 5.72 -17.03 0.65
N THR A 334 4.85 -17.70 1.40
CA THR A 334 4.87 -19.15 1.50
C THR A 334 3.56 -19.74 0.97
N TYR A 335 3.69 -20.96 0.47
CA TYR A 335 2.59 -21.77 -0.05
C TYR A 335 2.62 -23.10 0.72
N THR A 336 1.65 -23.36 1.59
CA THR A 336 1.64 -24.58 2.39
C THR A 336 0.25 -25.20 2.35
N TRP A 337 0.15 -26.46 2.81
CA TRP A 337 -1.15 -27.04 3.11
C TRP A 337 -1.58 -26.62 4.52
N LYS A 338 -2.87 -26.36 4.68
CA LYS A 338 -3.38 -25.96 5.98
C LYS A 338 -3.04 -27.03 7.02
N SER A 339 -2.72 -26.62 8.24
CA SER A 339 -2.51 -27.56 9.34
C SER A 339 -3.64 -28.59 9.41
N GLY A 340 -3.27 -29.87 9.51
CA GLY A 340 -4.21 -30.96 9.58
C GLY A 340 -4.49 -31.61 8.22
N THR A 341 -3.94 -31.12 7.13
CA THR A 341 -4.15 -31.67 5.80
C THR A 341 -3.38 -32.98 5.61
N ASN A 342 -4.12 -34.02 5.23
CA ASN A 342 -3.53 -35.27 4.78
C ASN A 342 -3.13 -35.16 3.32
N THR A 343 -1.91 -35.50 2.97
CA THR A 343 -1.44 -35.28 1.60
C THR A 343 -1.19 -36.56 0.79
N ASN A 344 -1.27 -37.71 1.45
CA ASN A 344 -1.15 -39.01 0.80
C ASN A 344 -2.56 -39.55 0.61
N LEU A 345 -3.13 -39.32 -0.57
CA LEU A 345 -4.57 -39.48 -0.78
C LEU A 345 -4.89 -40.86 -1.35
N SER A 346 -5.96 -41.45 -0.81
CA SER A 346 -6.49 -42.71 -1.32
CA SER A 346 -6.47 -42.71 -1.35
C SER A 346 -7.60 -42.45 -2.34
N ALA A 347 -8.07 -43.52 -2.97
CA ALA A 347 -9.08 -43.43 -4.03
C ALA A 347 -10.28 -42.61 -3.57
N GLY A 348 -10.79 -41.74 -4.45
CA GLY A 348 -11.96 -40.93 -4.15
C GLY A 348 -11.73 -39.46 -4.48
N ARG A 349 -12.66 -38.61 -4.05
CA ARG A 349 -12.55 -37.19 -4.29
C ARG A 349 -12.17 -36.49 -2.99
N HIS A 350 -11.43 -35.37 -3.12
CA HIS A 350 -10.87 -34.71 -1.96
C HIS A 350 -10.89 -33.21 -2.23
N THR A 351 -11.00 -32.45 -1.14
CA THR A 351 -10.78 -31.04 -1.24
C THR A 351 -9.77 -30.64 -0.16
N LEU A 352 -8.65 -30.05 -0.58
CA LEU A 352 -7.58 -29.67 0.32
C LEU A 352 -7.48 -28.14 0.38
N THR A 353 -7.16 -27.60 1.56
CA THR A 353 -7.03 -26.15 1.71
C THR A 353 -5.56 -25.74 1.69
N ALA A 354 -5.20 -24.89 0.71
CA ALA A 354 -3.86 -24.32 0.61
C ALA A 354 -3.87 -22.96 1.27
N VAL A 355 -2.74 -22.64 1.91
CA VAL A 355 -2.56 -21.40 2.64
C VAL A 355 -1.43 -20.63 1.97
N VAL A 356 -1.78 -19.43 1.50
CA VAL A 356 -0.82 -18.48 1.02
C VAL A 356 -0.55 -17.47 2.15
N THR A 357 0.67 -17.47 2.68
CA THR A 357 1.07 -16.51 3.70
C THR A 357 1.98 -15.48 3.05
N TYR A 358 1.51 -14.24 3.02
CA TYR A 358 2.25 -13.14 2.44
C TYR A 358 3.46 -12.78 3.29
N PRO A 359 4.38 -11.94 2.77
CA PRO A 359 5.48 -11.46 3.60
C PRO A 359 5.04 -10.78 4.90
N ASP A 360 3.87 -10.18 4.93
CA ASP A 360 3.41 -9.49 6.15
C ASP A 360 2.73 -10.44 7.14
N GLY A 361 2.60 -11.73 6.78
CA GLY A 361 2.04 -12.69 7.73
C GLY A 361 0.52 -12.84 7.61
N SER A 362 -0.13 -12.01 6.84
CA SER A 362 -1.54 -12.22 6.55
C SER A 362 -1.67 -13.37 5.56
N THR A 363 -2.89 -13.95 5.46
CA THR A 363 -3.08 -15.19 4.72
C THR A 363 -4.36 -15.18 3.89
N ASP A 364 -4.25 -15.79 2.70
CA ASP A 364 -5.42 -16.27 1.99
C ASP A 364 -5.47 -17.82 2.13
N GLU A 365 -6.68 -18.38 2.02
CA GLU A 365 -6.93 -19.82 2.03
C GLU A 365 -7.79 -20.11 0.81
N ILE A 366 -7.40 -21.14 0.07
CA ILE A 366 -8.06 -21.49 -1.19
C ILE A 366 -8.25 -23.00 -1.21
N ASP A 367 -9.47 -23.45 -1.49
CA ASP A 367 -9.74 -24.88 -1.49
C ASP A 367 -9.46 -25.46 -2.90
N VAL A 368 -8.87 -26.65 -2.95
CA VAL A 368 -8.33 -27.25 -4.18
C VAL A 368 -8.85 -28.68 -4.25
N SER A 369 -9.56 -29.02 -5.32
CA SER A 369 -10.06 -30.37 -5.50
C SER A 369 -8.98 -31.30 -6.08
N PHE A 370 -9.03 -32.57 -5.68
CA PHE A 370 -8.27 -33.64 -6.32
C PHE A 370 -9.17 -34.85 -6.50
N THR A 371 -8.90 -35.61 -7.55
CA THR A 371 -9.50 -36.93 -7.75
C THR A 371 -8.40 -37.98 -7.83
N VAL A 372 -8.63 -39.11 -7.13
CA VAL A 372 -7.74 -40.24 -7.17
C VAL A 372 -8.53 -41.45 -7.66
N ARG A 373 -8.15 -42.03 -8.80
CA ARG A 373 -8.78 -43.22 -9.36
C ARG A 373 -7.86 -44.44 -9.23
N PRO A 374 -8.41 -45.68 -9.09
CA PRO A 374 -7.58 -46.88 -9.12
C PRO A 374 -7.12 -47.11 -10.56
N GLN A 375 -6.00 -47.81 -10.77
CA GLN A 375 -5.64 -48.24 -12.12
C GLN A 375 -6.67 -49.26 -12.61
N THR A 376 -6.94 -49.31 -13.92
CA THR A 376 -8.06 -50.09 -14.41
C THR A 376 -7.98 -51.54 -13.91
#